data_6NZS
#
_entry.id   6NZS
#
_cell.length_a   214.071
_cell.length_b   55.099
_cell.length_c   62.188
_cell.angle_alpha   90.000
_cell.angle_beta   92.450
_cell.angle_gamma   90.000
#
_symmetry.space_group_name_H-M   'C 1 2 1'
#
loop_
_entity.id
_entity.type
_entity.pdbx_description
1 polymer Dextranase
2 water water
#
_entity_poly.entity_id   1
_entity_poly.type   'polypeptide(L)'
_entity_poly.pdbx_seq_one_letter_code
;AITTADNGNLHTWWHDNAVFNTTGPTGNDEVRRSSFYDLQVAQENQPDKAYDAFTYMSIPRSGKDKIGYTKEDGAEFSSQ
AGLTMSWSSFEYAKDVWVDVSLRTGQTITSADQVQIRPSSYNFEKQLVDADTVKIKVPYSDAGYRFSVEFEPQLYTAYND
MSGDSGKLTTEAEGNRAIHTEPRNSMMIFAEPKLRGEQKERLVPTEESGSIHYPAEGEVTNLNAVTEEIIYFKPGTYSMG
SDYHAVLPPNVKWVYLAPGAYVKGAFRFLHDNQSQYKVTGYGVLSGEQYVYEADTNNNYNHLSGASNCHSSCVKMLQFAS
ADAEQKLDLQGVTVAEPPYHSFVVYGNEQTFHMNVENYKQVGSWYWQTDGIELYKGSTMKNTFFNANDDVLKMYHSDVTI
DNTVIWKNENGPVIQWGWTPRNIDNVNVTNTTVIHNRMYWKDVKYNTCILNSSSHWEDMGSTTKADPNTTVKNMRFENIT
VEGMTNCAIRVYALSDTENIHVKNLNIDAWNGLDWTSQVSHLKRYTNPAGEKVTIGNEIPDGNGLALENYSVGGEVIEKT
ADNWADHQLGRIGFDGENWNSWNAWRT
;
_entity_poly.pdbx_strand_id   A
#
# COMPACT_ATOMS: atom_id res chain seq x y z
N ALA A 1 21.12 6.70 -26.84
CA ALA A 1 21.87 5.66 -26.14
C ALA A 1 21.62 5.71 -24.64
N ILE A 2 21.23 4.55 -24.08
CA ILE A 2 20.96 4.47 -22.65
C ILE A 2 22.28 4.56 -21.88
N THR A 3 22.32 5.44 -20.88
CA THR A 3 23.48 5.58 -20.02
C THR A 3 23.01 5.55 -18.58
N THR A 4 23.44 4.56 -17.81
CA THR A 4 23.06 4.45 -16.41
C THR A 4 24.20 4.90 -15.50
N ALA A 5 23.84 5.22 -14.26
CA ALA A 5 24.80 5.69 -13.26
C ALA A 5 25.16 4.60 -12.28
N ASP A 6 26.46 4.53 -11.94
CA ASP A 6 26.87 3.69 -10.83
C ASP A 6 28.07 4.36 -10.16
N ASN A 7 27.80 5.40 -9.39
CA ASN A 7 28.82 6.11 -8.64
C ASN A 7 28.42 6.19 -7.18
N GLY A 8 29.24 6.88 -6.39
CA GLY A 8 28.99 6.94 -4.96
C GLY A 8 27.70 7.64 -4.58
N ASN A 9 27.18 8.50 -5.44
CA ASN A 9 26.02 9.33 -5.10
C ASN A 9 24.76 9.00 -5.87
N LEU A 10 24.85 8.22 -6.94
CA LEU A 10 23.69 7.97 -7.78
C LEU A 10 23.83 6.58 -8.39
N HIS A 11 22.75 5.82 -8.33
CA HIS A 11 22.73 4.50 -8.97
C HIS A 11 21.42 4.37 -9.72
N THR A 12 21.50 4.18 -11.03
CA THR A 12 20.35 3.85 -11.86
C THR A 12 20.67 2.60 -12.65
N TRP A 13 19.64 2.03 -13.29
CA TRP A 13 19.82 0.76 -14.00
C TRP A 13 18.82 0.66 -15.14
N TRP A 14 19.03 -0.34 -15.98
CA TRP A 14 18.17 -0.60 -17.13
C TRP A 14 17.89 -2.09 -17.19
N HIS A 15 17.01 -2.48 -18.11
CA HIS A 15 16.76 -3.88 -18.43
C HIS A 15 16.82 -4.03 -19.95
N ASP A 16 17.84 -4.74 -20.45
CA ASP A 16 17.97 -4.89 -21.89
C ASP A 16 16.91 -5.81 -22.46
N ASN A 17 16.24 -6.59 -21.62
CA ASN A 17 15.12 -7.43 -22.00
C ASN A 17 13.76 -6.74 -21.82
N ALA A 18 13.76 -5.41 -21.78
CA ALA A 18 12.51 -4.67 -21.63
C ALA A 18 11.66 -4.76 -22.90
N VAL A 19 10.34 -4.71 -22.70
CA VAL A 19 9.38 -4.70 -23.80
C VAL A 19 8.30 -3.67 -23.52
N PHE A 20 7.76 -3.09 -24.58
CA PHE A 20 6.53 -2.33 -24.49
C PHE A 20 5.36 -3.30 -24.66
N ASN A 21 4.41 -3.27 -23.73
CA ASN A 21 3.28 -4.18 -23.79
C ASN A 21 2.19 -3.61 -22.89
N THR A 22 1.08 -3.17 -23.49
CA THR A 22 -0.06 -2.66 -22.74
C THR A 22 -1.25 -3.60 -22.80
N THR A 23 -1.10 -4.80 -23.36
CA THR A 23 -2.24 -5.64 -23.69
C THR A 23 -2.24 -7.02 -23.05
N GLY A 24 -1.10 -7.54 -22.61
CA GLY A 24 -1.06 -8.91 -22.16
C GLY A 24 0.15 -9.21 -21.31
N PRO A 25 0.27 -10.45 -20.87
CA PRO A 25 1.39 -10.82 -20.00
C PRO A 25 2.70 -10.77 -20.76
N THR A 26 3.75 -10.32 -20.08
CA THR A 26 5.05 -10.35 -20.71
C THR A 26 5.62 -11.76 -20.64
N GLY A 27 6.60 -12.03 -21.50
CA GLY A 27 7.29 -13.31 -21.46
C GLY A 27 8.06 -13.50 -20.17
N ASN A 28 8.38 -14.77 -19.88
CA ASN A 28 9.09 -15.08 -18.64
C ASN A 28 10.41 -14.32 -18.55
N ASP A 29 11.06 -14.07 -19.68
CA ASP A 29 12.35 -13.41 -19.73
C ASP A 29 12.27 -11.94 -20.11
N GLU A 30 11.09 -11.33 -19.98
CA GLU A 30 10.86 -9.94 -20.36
C GLU A 30 10.46 -9.11 -19.14
N VAL A 31 10.70 -7.81 -19.20
CA VAL A 31 10.27 -6.85 -18.19
C VAL A 31 9.44 -5.78 -18.88
N ARG A 32 8.25 -5.51 -18.35
CA ARG A 32 7.38 -4.49 -18.94
C ARG A 32 7.93 -3.09 -18.66
N ARG A 33 8.19 -2.34 -19.71
CA ARG A 33 8.65 -0.96 -19.62
C ARG A 33 7.45 -0.03 -19.73
N SER A 34 7.47 1.08 -19.00
CA SER A 34 6.38 2.05 -19.13
C SER A 34 6.26 2.58 -20.55
N SER A 35 5.04 2.52 -21.09
CA SER A 35 4.75 3.13 -22.39
C SER A 35 4.56 4.62 -22.31
N PHE A 36 4.49 5.19 -21.11
CA PHE A 36 3.98 6.54 -20.96
C PHE A 36 4.97 7.55 -20.43
N TYR A 37 6.03 7.13 -19.73
CA TYR A 37 6.97 8.06 -19.12
C TYR A 37 8.40 7.59 -19.32
N ASP A 38 9.30 8.55 -19.52
CA ASP A 38 10.74 8.31 -19.46
C ASP A 38 11.33 9.18 -18.37
N LEU A 39 12.33 8.66 -17.67
CA LEU A 39 12.93 9.36 -16.55
C LEU A 39 14.46 9.36 -16.66
N GLN A 40 15.07 10.52 -16.38
CA GLN A 40 16.51 10.64 -16.24
C GLN A 40 16.82 11.43 -14.97
N VAL A 41 17.99 11.17 -14.38
CA VAL A 41 18.37 11.75 -13.10
C VAL A 41 19.80 12.29 -13.20
N ALA A 42 20.01 13.48 -12.65
CA ALA A 42 21.33 14.08 -12.59
C ALA A 42 21.55 14.64 -11.19
N GLN A 43 22.79 14.56 -10.70
CA GLN A 43 23.13 15.28 -9.47
C GLN A 43 22.88 16.75 -9.69
N GLU A 44 22.34 17.43 -8.66
CA GLU A 44 21.82 18.77 -8.89
C GLU A 44 22.91 19.74 -9.34
N ASN A 45 24.15 19.54 -8.92
CA ASN A 45 25.26 20.39 -9.35
C ASN A 45 25.97 19.87 -10.59
N GLN A 46 25.42 18.84 -11.24
CA GLN A 46 25.93 18.34 -12.52
C GLN A 46 24.74 18.14 -13.47
N PRO A 47 23.96 19.20 -13.71
CA PRO A 47 22.69 19.01 -14.44
C PRO A 47 22.87 18.53 -15.87
N ASP A 48 24.08 18.65 -16.43
CA ASP A 48 24.38 18.18 -17.78
C ASP A 48 24.63 16.69 -17.85
N LYS A 49 24.83 16.02 -16.71
CA LYS A 49 25.14 14.59 -16.66
C LYS A 49 23.92 13.86 -16.12
N ALA A 50 22.93 13.67 -16.99
CA ALA A 50 21.69 13.00 -16.64
C ALA A 50 21.74 11.55 -17.09
N TYR A 51 21.33 10.65 -16.20
CA TYR A 51 21.42 9.21 -16.43
C TYR A 51 20.02 8.61 -16.51
N ASP A 52 19.82 7.68 -17.43
CA ASP A 52 18.55 7.00 -17.55
C ASP A 52 18.30 6.09 -16.35
N ALA A 53 17.05 6.07 -15.89
CA ALA A 53 16.60 5.14 -14.86
C ALA A 53 15.37 4.43 -15.40
N PHE A 54 15.36 3.11 -15.31
CA PHE A 54 14.25 2.34 -15.88
C PHE A 54 12.94 2.72 -15.22
N THR A 55 11.87 2.78 -16.02
CA THR A 55 10.52 2.93 -15.50
C THR A 55 9.76 1.65 -15.80
N TYR A 56 9.44 0.91 -14.75
CA TYR A 56 8.63 -0.30 -14.82
C TYR A 56 7.16 0.07 -15.01
N MET A 57 6.35 -0.92 -15.38
CA MET A 57 4.91 -0.68 -15.49
C MET A 57 4.12 -1.95 -15.16
N SER A 58 3.06 -1.78 -14.38
CA SER A 58 2.11 -2.84 -14.08
C SER A 58 0.77 -2.49 -14.68
N ILE A 59 0.07 -3.49 -15.21
CA ILE A 59 -1.28 -3.31 -15.75
C ILE A 59 -2.21 -4.33 -15.10
N PRO A 60 -3.52 -4.05 -15.09
CA PRO A 60 -4.47 -4.92 -14.37
C PRO A 60 -4.44 -6.34 -14.92
N ARG A 61 -4.28 -7.31 -14.01
CA ARG A 61 -4.19 -8.74 -14.34
C ARG A 61 -3.01 -9.06 -15.22
N SER A 62 -2.04 -8.15 -15.35
CA SER A 62 -1.00 -8.26 -16.37
C SER A 62 -1.60 -8.39 -17.78
N GLY A 63 -2.83 -7.94 -17.98
CA GLY A 63 -3.48 -8.03 -19.27
C GLY A 63 -4.04 -9.39 -19.58
N LYS A 64 -3.97 -10.33 -18.63
CA LYS A 64 -4.50 -11.67 -18.85
C LYS A 64 -6.02 -11.67 -18.74
N ASP A 65 -6.64 -12.60 -19.46
CA ASP A 65 -8.03 -12.92 -19.17
C ASP A 65 -8.11 -13.66 -17.85
N LYS A 66 -9.32 -13.71 -17.29
CA LYS A 66 -9.58 -14.53 -16.12
C LYS A 66 -9.48 -15.99 -16.51
N ILE A 67 -8.55 -16.72 -15.89
CA ILE A 67 -8.34 -18.14 -16.19
C ILE A 67 -8.90 -18.95 -15.04
N GLY A 68 -9.93 -19.73 -15.32
CA GLY A 68 -10.50 -20.62 -14.33
C GLY A 68 -11.61 -20.03 -13.49
N TYR A 69 -12.10 -18.84 -13.82
CA TYR A 69 -13.17 -18.21 -13.06
C TYR A 69 -13.83 -17.13 -13.91
N THR A 70 -15.06 -16.80 -13.52
CA THR A 70 -15.79 -15.68 -14.13
C THR A 70 -16.23 -14.63 -13.12
N LYS A 71 -16.13 -14.91 -11.82
CA LYS A 71 -16.58 -13.97 -10.80
C LYS A 71 -15.74 -12.70 -10.84
N GLU A 72 -16.25 -11.66 -10.18
CA GLU A 72 -15.50 -10.42 -10.08
C GLU A 72 -14.24 -10.64 -9.26
N ASP A 73 -13.14 -10.02 -9.69
CA ASP A 73 -11.90 -10.08 -8.95
C ASP A 73 -11.41 -8.73 -8.45
N GLY A 74 -12.18 -7.67 -8.66
CA GLY A 74 -11.79 -6.34 -8.22
C GLY A 74 -11.01 -5.52 -9.22
N ALA A 75 -10.49 -6.14 -10.27
CA ALA A 75 -9.75 -5.44 -11.31
C ALA A 75 -10.61 -5.00 -12.48
N GLU A 76 -11.93 -5.13 -12.37
CA GLU A 76 -12.80 -4.86 -13.52
C GLU A 76 -12.69 -3.41 -13.98
N PHE A 77 -12.88 -2.45 -13.07
CA PHE A 77 -12.82 -1.05 -13.50
C PHE A 77 -11.45 -0.69 -14.02
N SER A 78 -10.40 -1.06 -13.27
CA SER A 78 -9.06 -0.68 -13.70
C SER A 78 -8.72 -1.26 -15.07
N SER A 79 -9.11 -2.50 -15.32
CA SER A 79 -8.88 -3.13 -16.63
C SER A 79 -9.68 -2.41 -17.72
N GLN A 80 -10.97 -2.18 -17.47
CA GLN A 80 -11.84 -1.62 -18.51
C GLN A 80 -11.53 -0.16 -18.79
N ALA A 81 -11.07 0.59 -17.79
CA ALA A 81 -10.70 1.99 -17.98
C ALA A 81 -9.27 2.15 -18.48
N GLY A 82 -8.52 1.07 -18.59
CA GLY A 82 -7.16 1.20 -19.08
C GLY A 82 -6.20 1.85 -18.11
N LEU A 83 -6.40 1.64 -16.81
CA LEU A 83 -5.44 2.19 -15.85
C LEU A 83 -4.13 1.41 -15.89
N THR A 84 -3.03 2.12 -15.65
CA THR A 84 -1.73 1.48 -15.48
C THR A 84 -1.00 2.19 -14.36
N MET A 85 0.02 1.52 -13.82
CA MET A 85 0.86 2.11 -12.79
C MET A 85 2.31 1.93 -13.19
N SER A 86 2.99 3.03 -13.50
CA SER A 86 4.41 3.02 -13.81
C SER A 86 5.19 3.50 -12.58
N TRP A 87 6.42 3.01 -12.45
CA TRP A 87 7.25 3.48 -11.33
C TRP A 87 8.72 3.33 -11.69
N SER A 88 9.52 4.25 -11.19
CA SER A 88 10.96 4.24 -11.40
C SER A 88 11.65 4.38 -10.06
N SER A 89 12.60 3.48 -9.79
CA SER A 89 13.45 3.55 -8.60
C SER A 89 14.86 3.93 -9.00
N PHE A 90 15.52 4.66 -8.11
CA PHE A 90 16.95 4.89 -8.21
C PHE A 90 17.48 5.12 -6.82
N GLU A 91 18.79 4.97 -6.65
CA GLU A 91 19.46 5.31 -5.40
C GLU A 91 20.14 6.66 -5.55
N TYR A 92 20.07 7.47 -4.48
CA TYR A 92 20.73 8.76 -4.51
C TYR A 92 21.25 9.09 -3.11
N ALA A 93 22.31 9.91 -3.08
CA ALA A 93 22.88 10.36 -1.81
C ALA A 93 22.98 11.87 -1.71
N LYS A 94 22.55 12.61 -2.74
CA LYS A 94 22.72 14.05 -2.82
C LYS A 94 21.58 14.55 -3.70
N ASP A 95 21.17 15.80 -3.48
CA ASP A 95 20.06 16.40 -4.22
C ASP A 95 20.22 16.12 -5.71
N VAL A 96 19.10 15.82 -6.37
CA VAL A 96 19.10 15.50 -7.80
C VAL A 96 18.06 16.33 -8.52
N TRP A 97 18.28 16.51 -9.82
CA TRP A 97 17.25 16.95 -10.74
C TRP A 97 16.75 15.73 -11.52
N VAL A 98 15.45 15.50 -11.50
CA VAL A 98 14.83 14.38 -12.22
C VAL A 98 14.04 14.95 -13.39
N ASP A 99 14.37 14.52 -14.61
CA ASP A 99 13.59 14.88 -15.79
C ASP A 99 12.55 13.80 -16.02
N VAL A 100 11.28 14.20 -16.13
CA VAL A 100 10.19 13.27 -16.45
C VAL A 100 9.56 13.73 -17.75
N SER A 101 9.52 12.84 -18.73
CA SER A 101 8.98 13.13 -20.05
C SER A 101 7.76 12.26 -20.29
N LEU A 102 6.71 12.88 -20.81
CA LEU A 102 5.49 12.17 -21.21
C LEU A 102 5.68 11.70 -22.65
N ARG A 103 5.42 10.41 -22.89
CA ARG A 103 5.72 9.75 -24.17
C ARG A 103 4.54 9.74 -25.13
N THR A 104 3.37 10.22 -24.72
CA THR A 104 2.13 9.97 -25.45
C THR A 104 1.93 10.90 -26.65
N GLY A 105 2.71 11.95 -26.78
CA GLY A 105 2.41 13.01 -27.73
C GLY A 105 1.59 14.14 -27.16
N GLN A 106 1.04 13.98 -25.96
CA GLN A 106 0.36 15.08 -25.29
C GLN A 106 1.38 16.09 -24.81
N THR A 107 0.93 17.34 -24.69
CA THR A 107 1.83 18.42 -24.28
C THR A 107 1.25 19.15 -23.08
N ILE A 108 2.13 19.90 -22.43
CA ILE A 108 1.77 20.73 -21.29
C ILE A 108 2.26 22.14 -21.55
N THR A 109 1.61 23.11 -20.91
CA THR A 109 1.94 24.51 -21.11
C THR A 109 2.82 25.08 -20.02
N SER A 110 2.96 24.42 -18.88
CA SER A 110 3.76 24.95 -17.78
C SER A 110 4.06 23.83 -16.82
N ALA A 111 5.02 24.10 -15.93
CA ALA A 111 5.35 23.13 -14.90
C ALA A 111 4.20 22.96 -13.90
N ASP A 112 3.29 23.93 -13.84
CA ASP A 112 2.12 23.80 -12.99
C ASP A 112 1.19 22.69 -13.46
N GLN A 113 1.28 22.29 -14.72
CA GLN A 113 0.51 21.16 -15.23
C GLN A 113 1.15 19.82 -14.89
N VAL A 114 2.21 19.81 -14.11
CA VAL A 114 2.72 18.59 -13.49
C VAL A 114 2.62 18.78 -11.99
N GLN A 115 1.71 18.03 -11.36
CA GLN A 115 1.54 18.12 -9.91
C GLN A 115 2.25 16.95 -9.23
N ILE A 116 2.85 17.23 -8.08
CA ILE A 116 3.49 16.22 -7.24
C ILE A 116 2.53 15.91 -6.09
N ARG A 117 2.32 14.62 -5.84
CA ARG A 117 1.58 14.20 -4.66
C ARG A 117 2.44 13.18 -3.92
N PRO A 118 2.65 13.31 -2.60
CA PRO A 118 2.11 14.30 -1.66
C PRO A 118 2.36 15.77 -2.05
N SER A 119 1.28 16.56 -2.04
CA SER A 119 1.37 17.99 -2.34
C SER A 119 2.23 18.73 -1.33
N SER A 120 2.40 18.17 -0.13
CA SER A 120 3.27 18.78 0.87
C SER A 120 4.73 18.78 0.43
N TYR A 121 5.10 17.97 -0.56
CA TYR A 121 6.47 18.00 -1.12
C TYR A 121 6.48 19.11 -2.16
N ASN A 122 6.80 20.31 -1.71
CA ASN A 122 6.81 21.46 -2.59
C ASN A 122 8.12 21.53 -3.37
N PHE A 123 8.41 20.46 -4.13
CA PHE A 123 9.64 20.39 -4.89
C PHE A 123 9.68 21.48 -5.96
N GLU A 124 10.88 22.04 -6.17
CA GLU A 124 11.08 22.94 -7.30
C GLU A 124 10.86 22.17 -8.60
N LYS A 125 10.12 22.79 -9.52
CA LYS A 125 9.84 22.22 -10.83
C LYS A 125 10.17 23.25 -11.90
N GLN A 126 10.71 22.78 -13.03
CA GLN A 126 11.02 23.64 -14.16
C GLN A 126 10.52 22.99 -15.43
N LEU A 127 9.90 23.77 -16.31
CA LEU A 127 9.44 23.24 -17.59
C LEU A 127 10.59 23.33 -18.60
N VAL A 128 11.12 22.17 -19.00
CA VAL A 128 12.17 22.15 -20.01
C VAL A 128 11.57 22.43 -21.39
N ASP A 129 10.59 21.64 -21.78
CA ASP A 129 9.87 21.83 -23.03
C ASP A 129 8.47 21.26 -22.87
N ALA A 130 7.69 21.24 -23.95
CA ALA A 130 6.27 20.98 -23.84
C ALA A 130 5.91 19.56 -23.45
N ASP A 131 6.87 18.65 -23.32
CA ASP A 131 6.56 17.33 -22.77
C ASP A 131 7.47 16.90 -21.63
N THR A 132 8.29 17.80 -21.10
CA THR A 132 9.30 17.41 -20.11
C THR A 132 9.39 18.41 -18.97
N VAL A 133 9.28 17.92 -17.73
CA VAL A 133 9.46 18.73 -16.53
C VAL A 133 10.70 18.22 -15.81
N LYS A 134 11.39 19.13 -15.14
CA LYS A 134 12.53 18.82 -14.28
C LYS A 134 12.11 19.08 -12.84
N ILE A 135 12.32 18.09 -11.96
CA ILE A 135 11.91 18.15 -10.56
C ILE A 135 13.15 18.02 -9.69
N LYS A 136 13.33 18.93 -8.74
CA LYS A 136 14.46 18.85 -7.82
C LYS A 136 14.03 18.04 -6.60
N VAL A 137 14.64 16.88 -6.42
CA VAL A 137 14.35 16.01 -5.28
C VAL A 137 15.49 16.18 -4.28
N PRO A 138 15.26 16.79 -3.13
CA PRO A 138 16.34 16.92 -2.14
C PRO A 138 16.66 15.56 -1.55
N TYR A 139 17.91 15.40 -1.16
CA TYR A 139 18.29 14.20 -0.44
C TYR A 139 17.71 14.20 0.97
N SER A 140 17.17 13.05 1.35
CA SER A 140 16.76 12.76 2.72
C SER A 140 17.22 11.34 3.02
N ASP A 141 17.61 11.09 4.27
CA ASP A 141 17.93 9.71 4.60
C ASP A 141 16.71 8.78 4.56
N ALA A 142 15.50 9.33 4.45
CA ALA A 142 14.31 8.54 4.19
C ALA A 142 14.03 8.35 2.71
N GLY A 143 14.69 9.11 1.85
CA GLY A 143 14.27 9.18 0.46
C GLY A 143 12.86 9.76 0.36
N TYR A 144 12.34 9.74 -0.87
CA TYR A 144 10.99 10.21 -1.15
C TYR A 144 10.33 9.25 -2.13
N ARG A 145 9.08 8.92 -1.87
CA ARG A 145 8.25 8.16 -2.80
C ARG A 145 7.04 9.02 -3.13
N PHE A 146 6.86 9.32 -4.42
CA PHE A 146 5.84 10.32 -4.78
C PHE A 146 5.33 10.07 -6.18
N SER A 147 4.19 10.71 -6.48
CA SER A 147 3.50 10.59 -7.75
C SER A 147 3.69 11.85 -8.56
N VAL A 148 3.94 11.67 -9.87
CA VAL A 148 4.12 12.77 -10.83
C VAL A 148 2.92 12.75 -11.77
N GLU A 149 2.16 13.85 -11.80
CA GLU A 149 0.82 13.86 -12.37
C GLU A 149 0.71 14.93 -13.48
N PHE A 150 0.84 14.49 -14.73
CA PHE A 150 0.68 15.39 -15.86
C PHE A 150 -0.81 15.64 -16.10
N GLU A 151 -1.20 16.91 -16.17
CA GLU A 151 -2.61 17.26 -16.35
C GLU A 151 -3.31 16.53 -17.49
N PRO A 152 -2.72 16.39 -18.69
CA PRO A 152 -3.44 15.68 -19.77
C PRO A 152 -3.70 14.21 -19.49
N GLN A 153 -3.03 13.61 -18.49
CA GLN A 153 -3.27 12.22 -18.12
C GLN A 153 -4.40 12.04 -17.11
N LEU A 154 -4.90 13.13 -16.52
CA LEU A 154 -5.93 13.01 -15.51
C LEU A 154 -7.24 12.53 -16.13
N TYR A 155 -7.95 11.70 -15.38
CA TYR A 155 -9.32 11.34 -15.67
C TYR A 155 -10.08 11.33 -14.34
N THR A 156 -11.41 11.34 -14.43
CA THR A 156 -12.25 11.26 -13.24
C THR A 156 -13.00 9.94 -13.25
N ALA A 157 -12.93 9.21 -12.14
CA ALA A 157 -13.76 8.04 -11.94
C ALA A 157 -15.11 8.48 -11.37
N TYR A 158 -16.18 7.93 -11.94
CA TYR A 158 -17.54 8.23 -11.50
C TYR A 158 -18.25 6.97 -11.02
N ASN A 159 -19.20 7.14 -10.13
CA ASN A 159 -20.09 6.05 -9.72
C ASN A 159 -21.37 6.21 -10.50
N ASP A 160 -21.75 5.18 -11.27
CA ASP A 160 -22.96 5.27 -12.07
C ASP A 160 -24.25 5.09 -11.26
N MET A 161 -24.12 4.79 -9.97
CA MET A 161 -25.24 4.72 -9.04
C MET A 161 -26.18 3.56 -9.32
N SER A 162 -25.71 2.58 -10.09
CA SER A 162 -26.53 1.42 -10.43
C SER A 162 -26.69 0.48 -9.25
N GLY A 163 -27.88 -0.10 -9.12
CA GLY A 163 -28.07 -1.14 -8.12
C GLY A 163 -27.83 -0.66 -6.70
N ASP A 164 -27.36 -1.59 -5.86
CA ASP A 164 -27.21 -1.29 -4.44
C ASP A 164 -25.97 -0.45 -4.18
N SER A 165 -24.87 -0.73 -4.87
CA SER A 165 -23.59 -0.13 -4.55
C SER A 165 -23.05 0.80 -5.62
N GLY A 166 -23.63 0.76 -6.82
CA GLY A 166 -23.05 1.44 -7.94
C GLY A 166 -21.89 0.67 -8.51
N LYS A 167 -21.40 1.18 -9.65
CA LYS A 167 -20.22 0.65 -10.33
C LYS A 167 -19.43 1.84 -10.82
N LEU A 168 -18.11 1.69 -10.86
CA LEU A 168 -17.27 2.75 -11.38
C LEU A 168 -17.30 2.78 -12.91
N THR A 169 -17.22 3.99 -13.46
CA THR A 169 -17.20 4.20 -14.90
C THR A 169 -16.45 5.50 -15.18
N THR A 170 -15.93 5.61 -16.39
CA THR A 170 -15.35 6.88 -16.81
C THR A 170 -16.38 7.81 -17.44
N GLU A 171 -17.63 7.35 -17.59
CA GLU A 171 -18.68 8.21 -18.14
C GLU A 171 -19.16 9.17 -17.07
N ALA A 172 -19.19 10.47 -17.40
CA ALA A 172 -19.58 11.51 -16.46
C ALA A 172 -21.08 11.77 -16.40
N GLU A 173 -21.79 11.63 -17.53
CA GLU A 173 -23.14 12.17 -17.64
C GLU A 173 -24.10 11.48 -16.67
N GLY A 174 -24.71 12.27 -15.78
CA GLY A 174 -25.67 11.76 -14.84
C GLY A 174 -25.09 10.95 -13.69
N ASN A 175 -23.78 10.90 -13.58
CA ASN A 175 -23.11 10.08 -12.58
C ASN A 175 -22.47 10.96 -11.51
N ARG A 176 -21.89 10.32 -10.50
CA ARG A 176 -21.33 11.02 -9.34
C ARG A 176 -19.81 10.91 -9.36
N ALA A 177 -19.13 12.05 -9.28
CA ALA A 177 -17.66 12.05 -9.26
C ALA A 177 -17.15 11.36 -8.00
N ILE A 178 -16.16 10.49 -8.17
CA ILE A 178 -15.54 9.76 -7.07
C ILE A 178 -14.12 10.27 -6.81
N HIS A 179 -13.30 10.40 -7.85
CA HIS A 179 -11.93 10.84 -7.65
C HIS A 179 -11.28 11.14 -8.99
N THR A 180 -10.34 12.09 -8.99
CA THR A 180 -9.58 12.47 -10.19
C THR A 180 -8.12 12.12 -9.99
N GLU A 181 -7.53 11.42 -10.95
CA GLU A 181 -6.17 10.94 -10.80
C GLU A 181 -5.60 10.64 -12.19
N PRO A 182 -4.29 10.44 -12.32
CA PRO A 182 -3.73 10.02 -13.61
C PRO A 182 -4.28 8.66 -14.02
N ARG A 183 -4.67 8.53 -15.28
CA ARG A 183 -5.04 7.22 -15.81
C ARG A 183 -3.83 6.29 -15.83
N ASN A 184 -2.70 6.83 -16.27
CA ASN A 184 -1.43 6.11 -16.28
C ASN A 184 -0.58 6.79 -15.21
N SER A 185 -0.50 6.18 -14.05
CA SER A 185 0.21 6.81 -12.95
C SER A 185 1.71 6.63 -13.09
N MET A 186 2.45 7.51 -12.41
CA MET A 186 3.91 7.54 -12.47
C MET A 186 4.44 7.81 -11.07
N MET A 187 5.04 6.79 -10.46
CA MET A 187 5.64 6.90 -9.14
C MET A 187 7.15 6.99 -9.28
N ILE A 188 7.76 7.83 -8.46
CA ILE A 188 9.22 7.88 -8.33
C ILE A 188 9.58 7.45 -6.92
N PHE A 189 10.46 6.47 -6.82
CA PHE A 189 10.97 5.99 -5.55
C PHE A 189 12.46 6.40 -5.53
N ALA A 190 12.72 7.57 -4.95
CA ALA A 190 14.08 8.10 -4.81
C ALA A 190 14.59 7.61 -3.47
N GLU A 191 15.43 6.57 -3.51
CA GLU A 191 15.78 5.84 -2.31
C GLU A 191 17.21 6.13 -1.89
N PRO A 192 17.49 6.16 -0.59
CA PRO A 192 18.83 6.54 -0.15
C PRO A 192 19.88 5.49 -0.49
N LYS A 193 21.01 5.95 -1.03
CA LYS A 193 22.15 5.07 -1.21
C LYS A 193 22.61 4.55 0.15
N LEU A 194 22.97 3.28 0.20
CA LEU A 194 23.32 2.63 1.44
C LEU A 194 24.83 2.67 1.66
N ARG A 195 25.24 3.14 2.83
CA ARG A 195 26.65 3.23 3.19
C ARG A 195 26.84 2.74 4.62
N GLY A 196 28.09 2.47 4.96
CA GLY A 196 28.45 2.24 6.35
C GLY A 196 27.69 1.11 6.99
N GLU A 197 27.23 1.34 8.23
CA GLU A 197 26.60 0.30 9.00
C GLU A 197 25.25 -0.11 8.40
N GLN A 198 24.54 0.83 7.78
CA GLN A 198 23.28 0.47 7.13
C GLN A 198 23.53 -0.47 5.96
N LYS A 199 24.53 -0.17 5.14
CA LYS A 199 24.88 -1.09 4.05
C LYS A 199 25.27 -2.46 4.60
N GLU A 200 26.04 -2.50 5.68
CA GLU A 200 26.42 -3.80 6.25
C GLU A 200 25.20 -4.59 6.71
N ARG A 201 24.21 -3.90 7.27
CA ARG A 201 23.01 -4.58 7.74
C ARG A 201 22.14 -5.06 6.59
N LEU A 202 22.09 -4.29 5.49
CA LEU A 202 21.06 -4.46 4.47
C LEU A 202 21.56 -5.05 3.16
N VAL A 203 22.87 -5.16 2.96
CA VAL A 203 23.43 -5.72 1.74
C VAL A 203 24.42 -6.82 2.12
N PRO A 204 24.14 -8.07 1.77
CA PRO A 204 25.04 -9.16 2.20
C PRO A 204 26.34 -9.14 1.43
N THR A 205 27.39 -9.60 2.10
CA THR A 205 28.66 -9.92 1.48
C THR A 205 28.99 -11.37 1.79
N GLU A 206 30.08 -11.85 1.19
CA GLU A 206 30.54 -13.21 1.46
C GLU A 206 30.88 -13.42 2.93
N GLU A 207 31.09 -12.35 3.69
CA GLU A 207 31.30 -12.46 5.13
C GLU A 207 30.01 -12.65 5.90
N SER A 208 28.85 -12.42 5.28
CA SER A 208 27.57 -12.57 5.95
C SER A 208 27.16 -14.03 6.11
N GLY A 209 27.69 -14.92 5.29
CA GLY A 209 27.29 -16.30 5.28
C GLY A 209 27.51 -16.87 3.90
N SER A 210 27.17 -18.14 3.75
CA SER A 210 27.24 -18.75 2.43
C SER A 210 26.13 -18.19 1.56
N ILE A 211 26.43 -17.99 0.27
CA ILE A 211 25.53 -17.31 -0.66
C ILE A 211 25.29 -18.18 -1.88
N HIS A 212 24.02 -18.35 -2.24
CA HIS A 212 23.61 -18.89 -3.53
C HIS A 212 23.19 -17.73 -4.42
N TYR A 213 23.77 -17.67 -5.63
CA TYR A 213 23.44 -16.64 -6.61
C TYR A 213 22.67 -17.29 -7.76
N PRO A 214 21.35 -17.14 -7.83
CA PRO A 214 20.62 -17.72 -8.96
C PRO A 214 21.07 -17.10 -10.29
N ALA A 215 21.08 -17.94 -11.32
CA ALA A 215 21.30 -17.43 -12.67
C ALA A 215 20.01 -16.85 -13.21
N GLU A 216 20.14 -15.89 -14.12
CA GLU A 216 18.96 -15.34 -14.77
C GLU A 216 18.18 -16.45 -15.47
N GLY A 217 16.87 -16.28 -15.54
CA GLY A 217 16.00 -17.25 -16.16
C GLY A 217 15.11 -17.97 -15.16
N GLU A 218 14.74 -19.20 -15.47
CA GLU A 218 13.87 -19.98 -14.59
C GLU A 218 14.57 -20.24 -13.26
N VAL A 219 13.85 -19.97 -12.17
CA VAL A 219 14.35 -20.24 -10.81
C VAL A 219 13.26 -21.04 -10.10
N THR A 220 13.33 -22.36 -10.22
CA THR A 220 12.36 -23.25 -9.58
C THR A 220 13.05 -24.24 -8.66
N ASN A 221 14.32 -24.00 -8.32
CA ASN A 221 15.13 -24.92 -7.54
C ASN A 221 15.46 -24.38 -6.15
N LEU A 222 14.80 -23.30 -5.72
CA LEU A 222 15.20 -22.64 -4.50
C LEU A 222 14.85 -23.43 -3.24
N ASN A 223 13.91 -24.38 -3.33
CA ASN A 223 13.55 -25.15 -2.14
C ASN A 223 14.69 -26.01 -1.63
N ALA A 224 15.65 -26.35 -2.48
CA ALA A 224 16.73 -27.26 -2.12
C ALA A 224 18.09 -26.57 -2.03
N VAL A 225 18.13 -25.24 -1.95
CA VAL A 225 19.40 -24.56 -1.74
C VAL A 225 19.91 -24.86 -0.33
N THR A 226 21.22 -25.01 -0.21
CA THR A 226 21.84 -25.30 1.08
C THR A 226 22.55 -24.12 1.70
N GLU A 227 22.66 -23.01 0.98
CA GLU A 227 23.36 -21.84 1.50
C GLU A 227 22.44 -21.03 2.43
N GLU A 228 23.03 -20.04 3.09
CA GLU A 228 22.30 -19.22 4.06
C GLU A 228 21.63 -18.01 3.44
N ILE A 229 22.10 -17.56 2.29
CA ILE A 229 21.65 -16.32 1.67
C ILE A 229 21.39 -16.59 0.20
N ILE A 230 20.26 -16.10 -0.29
CA ILE A 230 19.96 -16.13 -1.72
C ILE A 230 20.06 -14.70 -2.23
N TYR A 231 20.98 -14.47 -3.16
CA TYR A 231 21.36 -13.13 -3.61
C TYR A 231 21.03 -13.04 -5.09
N PHE A 232 20.05 -12.20 -5.44
CA PHE A 232 19.66 -12.00 -6.83
C PHE A 232 20.42 -10.79 -7.36
N LYS A 233 21.38 -11.05 -8.24
CA LYS A 233 22.10 -9.98 -8.92
C LYS A 233 21.15 -9.28 -9.89
N PRO A 234 21.51 -8.09 -10.37
CA PRO A 234 20.68 -7.44 -11.39
C PRO A 234 20.43 -8.39 -12.55
N GLY A 235 19.19 -8.39 -13.04
CA GLY A 235 18.76 -9.33 -14.05
C GLY A 235 17.31 -9.69 -13.83
N THR A 236 16.82 -10.64 -14.62
CA THR A 236 15.43 -11.07 -14.56
C THR A 236 15.35 -12.56 -14.26
N TYR A 237 14.42 -12.91 -13.37
CA TYR A 237 14.27 -14.27 -12.87
C TYR A 237 12.78 -14.62 -12.84
N SER A 238 12.46 -15.88 -13.11
CA SER A 238 11.08 -16.32 -13.28
C SER A 238 10.83 -17.61 -12.49
N MET A 239 9.87 -17.57 -11.55
CA MET A 239 9.46 -18.77 -10.85
C MET A 239 8.34 -19.52 -11.55
N GLY A 240 7.63 -18.85 -12.47
CA GLY A 240 6.51 -19.44 -13.16
C GLY A 240 5.20 -19.28 -12.41
N SER A 241 4.10 -19.58 -13.11
CA SER A 241 2.78 -19.48 -12.50
C SER A 241 2.49 -20.60 -11.51
N ASP A 242 3.30 -21.67 -11.50
CA ASP A 242 2.97 -22.89 -10.77
C ASP A 242 4.04 -23.26 -9.75
N TYR A 243 4.78 -22.27 -9.24
CA TYR A 243 5.77 -22.51 -8.21
C TYR A 243 6.02 -21.21 -7.47
N HIS A 244 6.17 -21.31 -6.16
CA HIS A 244 6.78 -20.25 -5.36
C HIS A 244 7.81 -20.88 -4.44
N ALA A 245 8.77 -20.08 -4.02
CA ALA A 245 9.93 -20.57 -3.29
C ALA A 245 9.54 -20.82 -1.83
N VAL A 246 9.54 -22.08 -1.42
CA VAL A 246 9.31 -22.49 -0.05
C VAL A 246 10.68 -22.86 0.52
N LEU A 247 11.23 -21.97 1.35
CA LEU A 247 12.65 -21.93 1.64
C LEU A 247 13.03 -22.89 2.77
N PRO A 248 14.20 -23.49 2.62
CA PRO A 248 14.67 -24.46 3.62
C PRO A 248 15.20 -23.76 4.86
N PRO A 249 15.44 -24.50 5.95
CA PRO A 249 15.70 -23.85 7.24
C PRO A 249 17.02 -23.09 7.29
N ASN A 250 17.96 -23.39 6.40
CA ASN A 250 19.24 -22.72 6.38
C ASN A 250 19.16 -21.28 5.88
N VAL A 251 18.12 -20.93 5.11
CA VAL A 251 18.07 -19.62 4.46
C VAL A 251 17.57 -18.57 5.46
N LYS A 252 18.41 -17.56 5.70
CA LYS A 252 18.06 -16.48 6.62
C LYS A 252 17.91 -15.14 5.93
N TRP A 253 18.24 -15.04 4.65
CA TRP A 253 18.30 -13.75 3.97
C TRP A 253 18.02 -13.95 2.50
N VAL A 254 17.07 -13.19 1.96
CA VAL A 254 16.86 -13.07 0.52
C VAL A 254 17.16 -11.62 0.15
N TYR A 255 18.06 -11.43 -0.82
CA TYR A 255 18.50 -10.11 -1.23
C TYR A 255 18.18 -9.91 -2.70
N LEU A 256 17.47 -8.81 -3.01
CA LEU A 256 17.15 -8.44 -4.37
C LEU A 256 17.94 -7.18 -4.68
N ALA A 257 18.96 -7.30 -5.51
CA ALA A 257 19.81 -6.16 -5.82
C ALA A 257 19.00 -5.10 -6.56
N PRO A 258 19.41 -3.84 -6.49
CA PRO A 258 18.83 -2.84 -7.38
C PRO A 258 19.06 -3.30 -8.81
N GLY A 259 17.99 -3.34 -9.59
CA GLY A 259 18.08 -3.87 -10.93
C GLY A 259 17.75 -5.35 -11.06
N ALA A 260 17.50 -6.03 -9.95
CA ALA A 260 16.95 -7.38 -10.02
C ALA A 260 15.44 -7.30 -10.14
N TYR A 261 14.88 -8.15 -10.99
CA TYR A 261 13.43 -8.27 -11.18
C TYR A 261 13.09 -9.75 -11.08
N VAL A 262 12.43 -10.14 -9.99
CA VAL A 262 12.11 -11.52 -9.71
C VAL A 262 10.60 -11.69 -9.82
N LYS A 263 10.14 -12.51 -10.76
CA LYS A 263 8.74 -12.91 -10.82
C LYS A 263 8.57 -14.13 -9.94
N GLY A 264 7.86 -13.98 -8.83
CA GLY A 264 7.73 -15.08 -7.88
C GLY A 264 7.28 -14.57 -6.51
N ALA A 265 7.49 -15.42 -5.50
CA ALA A 265 7.06 -15.18 -4.13
C ALA A 265 7.89 -16.07 -3.23
N PHE A 266 7.95 -15.71 -1.95
CA PHE A 266 8.83 -16.40 -1.00
C PHE A 266 8.06 -16.77 0.25
N ARG A 267 8.24 -18.00 0.71
CA ARG A 267 7.72 -18.44 1.99
C ARG A 267 8.88 -19.00 2.79
N PHE A 268 9.11 -18.42 3.97
CA PHE A 268 10.04 -19.01 4.93
C PHE A 268 9.21 -19.97 5.76
N LEU A 269 9.24 -21.24 5.35
CA LEU A 269 8.39 -22.26 5.95
C LEU A 269 8.79 -22.55 7.39
N HIS A 270 10.08 -22.48 7.69
CA HIS A 270 10.61 -22.88 8.99
C HIS A 270 10.77 -21.67 9.89
N ASP A 271 10.76 -21.94 11.20
CA ASP A 271 10.75 -20.90 12.23
C ASP A 271 12.01 -20.91 13.09
N ASN A 272 13.12 -21.44 12.57
CA ASN A 272 14.30 -21.72 13.37
C ASN A 272 15.29 -20.57 13.45
N GLN A 273 15.18 -19.54 12.60
CA GLN A 273 16.13 -18.44 12.62
C GLN A 273 15.75 -17.39 13.64
N SER A 274 16.75 -16.83 14.31
CA SER A 274 16.49 -15.70 15.20
C SER A 274 16.33 -14.40 14.43
N GLN A 275 16.94 -14.29 13.25
CA GLN A 275 16.88 -13.07 12.44
C GLN A 275 16.67 -13.44 10.98
N TYR A 276 15.59 -12.91 10.39
CA TYR A 276 15.31 -13.05 8.97
C TYR A 276 15.52 -11.70 8.30
N LYS A 277 15.89 -11.74 7.03
CA LYS A 277 16.05 -10.51 6.25
C LYS A 277 15.53 -10.72 4.85
N VAL A 278 14.73 -9.79 4.38
CA VAL A 278 14.40 -9.67 2.96
C VAL A 278 14.69 -8.21 2.62
N THR A 279 15.77 -7.96 1.87
CA THR A 279 16.23 -6.61 1.66
C THR A 279 16.62 -6.40 0.21
N GLY A 280 16.83 -5.15 -0.14
CA GLY A 280 17.38 -4.74 -1.41
C GLY A 280 16.39 -3.95 -2.25
N TYR A 281 16.92 -3.08 -3.11
CA TYR A 281 16.09 -2.20 -3.93
C TYR A 281 15.65 -2.84 -5.26
N GLY A 282 15.41 -4.15 -5.28
CA GLY A 282 14.87 -4.83 -6.45
C GLY A 282 13.36 -4.97 -6.39
N VAL A 283 12.84 -5.73 -7.36
CA VAL A 283 11.39 -5.94 -7.53
C VAL A 283 11.06 -7.41 -7.36
N LEU A 284 10.01 -7.69 -6.61
CA LEU A 284 9.39 -9.01 -6.51
C LEU A 284 7.98 -8.88 -7.04
N SER A 285 7.68 -9.53 -8.16
CA SER A 285 6.41 -9.36 -8.87
C SER A 285 5.62 -10.66 -8.88
N GLY A 286 4.34 -10.57 -8.54
CA GLY A 286 3.46 -11.72 -8.58
C GLY A 286 2.68 -11.85 -9.88
N GLU A 287 3.16 -11.19 -10.93
CA GLU A 287 2.43 -11.07 -12.19
C GLU A 287 2.09 -12.41 -12.83
N GLN A 288 2.88 -13.46 -12.57
CA GLN A 288 2.62 -14.75 -13.21
C GLN A 288 1.53 -15.54 -12.51
N TYR A 289 1.13 -15.17 -11.31
CA TYR A 289 0.14 -15.92 -10.56
C TYR A 289 -1.27 -15.42 -10.88
N VAL A 290 -2.19 -16.38 -11.01
CA VAL A 290 -3.60 -16.04 -11.17
C VAL A 290 -4.15 -15.48 -9.86
N TYR A 291 -5.19 -14.65 -9.97
CA TYR A 291 -5.93 -14.20 -8.79
C TYR A 291 -6.29 -15.40 -7.94
N GLU A 292 -6.04 -15.29 -6.63
CA GLU A 292 -6.38 -16.36 -5.69
C GLU A 292 -5.74 -17.68 -6.11
N ALA A 293 -4.50 -17.62 -6.59
CA ALA A 293 -3.74 -18.83 -6.89
C ALA A 293 -3.61 -19.67 -5.63
N ASP A 294 -4.18 -20.87 -5.65
CA ASP A 294 -4.32 -21.71 -4.46
C ASP A 294 -3.27 -22.82 -4.51
N THR A 295 -2.45 -22.91 -3.46
CA THR A 295 -1.48 -23.99 -3.37
C THR A 295 -2.17 -25.34 -3.18
N ASN A 296 -3.38 -25.36 -2.61
CA ASN A 296 -4.17 -26.58 -2.53
C ASN A 296 -4.72 -27.04 -3.87
N ASN A 297 -4.59 -26.23 -4.92
CA ASN A 297 -5.20 -26.50 -6.22
C ASN A 297 -4.17 -26.37 -7.34
N ASN A 298 -2.93 -26.79 -7.08
CA ASN A 298 -1.86 -26.77 -8.09
C ASN A 298 -1.57 -25.36 -8.61
N TYR A 299 -1.76 -24.34 -7.77
CA TYR A 299 -1.59 -22.93 -8.12
C TYR A 299 -2.66 -22.41 -9.06
N ASN A 300 -3.63 -23.24 -9.45
CA ASN A 300 -4.75 -22.73 -10.22
C ASN A 300 -5.67 -21.94 -9.31
N HIS A 301 -6.62 -21.22 -9.92
CA HIS A 301 -7.55 -20.40 -9.15
C HIS A 301 -8.34 -21.25 -8.15
N LEU A 302 -8.66 -20.63 -7.02
CA LEU A 302 -9.39 -21.26 -5.92
C LEU A 302 -10.63 -21.99 -6.39
N SER A 303 -10.81 -23.23 -5.92
CA SER A 303 -11.93 -24.07 -6.33
C SER A 303 -12.48 -24.81 -5.12
N GLY A 304 -13.80 -24.79 -4.97
CA GLY A 304 -14.48 -25.67 -4.03
C GLY A 304 -14.32 -25.33 -2.55
N ALA A 305 -14.35 -24.06 -2.19
CA ALA A 305 -14.32 -23.64 -0.80
C ALA A 305 -14.71 -22.18 -0.72
N SER A 306 -15.00 -21.72 0.50
CA SER A 306 -15.42 -20.34 0.71
C SER A 306 -14.27 -19.34 0.57
N ASN A 307 -13.10 -19.68 1.08
CA ASN A 307 -11.95 -18.79 1.04
C ASN A 307 -10.67 -19.61 0.95
N CYS A 308 -9.56 -18.93 0.71
CA CYS A 308 -8.23 -19.51 0.74
C CYS A 308 -7.32 -18.68 1.61
N HIS A 309 -7.84 -18.21 2.74
CA HIS A 309 -7.14 -17.27 3.60
C HIS A 309 -5.74 -17.74 3.96
N SER A 310 -5.54 -19.04 4.11
CA SER A 310 -4.26 -19.58 4.55
C SER A 310 -3.54 -20.42 3.49
N SER A 311 -4.15 -20.64 2.31
CA SER A 311 -3.55 -21.48 1.28
C SER A 311 -3.27 -20.77 -0.04
N CYS A 312 -3.80 -19.57 -0.26
CA CYS A 312 -3.47 -18.86 -1.48
C CYS A 312 -2.08 -18.25 -1.37
N VAL A 313 -1.41 -18.14 -2.52
CA VAL A 313 -0.04 -17.64 -2.57
C VAL A 313 0.03 -16.25 -1.97
N LYS A 314 0.93 -16.07 -1.01
CA LYS A 314 1.26 -14.78 -0.44
C LYS A 314 2.60 -14.36 -1.01
N MET A 315 2.81 -13.04 -1.15
CA MET A 315 4.09 -12.61 -1.70
C MET A 315 5.23 -12.90 -0.74
N LEU A 316 5.00 -12.70 0.56
CA LEU A 316 5.98 -12.97 1.60
C LEU A 316 5.25 -13.59 2.79
N GLN A 317 5.77 -14.72 3.28
CA GLN A 317 5.16 -15.40 4.41
C GLN A 317 6.25 -15.93 5.32
N PHE A 318 6.03 -15.82 6.64
CA PHE A 318 6.98 -16.27 7.64
C PHE A 318 6.28 -17.08 8.70
N ALA A 319 7.07 -17.88 9.41
CA ALA A 319 6.60 -18.66 10.55
C ALA A 319 7.32 -18.17 11.80
N SER A 320 6.58 -17.92 12.87
CA SER A 320 7.11 -17.40 14.11
C SER A 320 7.08 -18.49 15.17
N ALA A 321 8.26 -18.84 15.71
CA ALA A 321 8.34 -19.75 16.84
C ALA A 321 8.00 -18.99 18.12
N ASP A 322 7.85 -19.74 19.21
CA ASP A 322 7.66 -19.06 20.50
C ASP A 322 8.85 -18.16 20.82
N ALA A 323 10.07 -18.57 20.43
CA ALA A 323 11.25 -17.77 20.70
C ALA A 323 11.14 -16.41 20.02
N GLU A 324 11.79 -15.42 20.63
CA GLU A 324 11.84 -14.07 20.08
C GLU A 324 12.61 -14.07 18.77
N GLN A 325 12.05 -13.42 17.75
CA GLN A 325 12.66 -13.39 16.43
C GLN A 325 12.48 -11.99 15.85
N LYS A 326 13.32 -11.68 14.86
CA LYS A 326 13.27 -10.39 14.19
C LYS A 326 13.29 -10.59 12.69
N LEU A 327 12.64 -9.68 11.98
CA LEU A 327 12.71 -9.60 10.52
C LEU A 327 13.03 -8.18 10.13
N ASP A 328 14.07 -7.98 9.32
CA ASP A 328 14.29 -6.72 8.62
C ASP A 328 13.72 -6.89 7.23
N LEU A 329 12.77 -6.02 6.87
CA LEU A 329 12.15 -6.04 5.55
C LEU A 329 12.42 -4.65 4.98
N GLN A 330 13.28 -4.58 3.97
CA GLN A 330 13.78 -3.28 3.52
C GLN A 330 13.88 -3.26 2.01
N GLY A 331 13.61 -2.08 1.43
CA GLY A 331 14.03 -1.79 0.07
C GLY A 331 13.12 -2.28 -1.03
N VAL A 332 12.59 -3.50 -0.88
CA VAL A 332 11.96 -4.20 -1.99
C VAL A 332 10.68 -3.52 -2.43
N THR A 333 10.36 -3.67 -3.72
CA THR A 333 9.08 -3.30 -4.30
C THR A 333 8.34 -4.60 -4.59
N VAL A 334 7.17 -4.76 -4.00
CA VAL A 334 6.29 -5.90 -4.24
C VAL A 334 5.24 -5.46 -5.26
N ALA A 335 5.24 -6.08 -6.43
CA ALA A 335 4.37 -5.67 -7.53
C ALA A 335 3.36 -6.77 -7.85
N GLU A 336 2.16 -6.34 -8.24
CA GLU A 336 1.14 -7.22 -8.79
C GLU A 336 0.87 -8.49 -7.97
N PRO A 337 0.52 -8.35 -6.70
CA PRO A 337 0.22 -9.53 -5.88
C PRO A 337 -1.07 -10.18 -6.35
N PRO A 338 -1.16 -11.52 -6.29
CA PRO A 338 -2.41 -12.21 -6.59
C PRO A 338 -3.33 -12.36 -5.39
N TYR A 339 -2.86 -12.00 -4.20
CA TYR A 339 -3.59 -12.16 -2.95
C TYR A 339 -2.94 -11.26 -1.91
N HIS A 340 -3.05 -11.62 -0.62
CA HIS A 340 -2.46 -10.78 0.43
C HIS A 340 -0.95 -10.66 0.23
N SER A 341 -0.41 -9.49 0.60
CA SER A 341 1.02 -9.24 0.43
C SER A 341 1.87 -9.99 1.45
N PHE A 342 1.40 -10.09 2.70
CA PHE A 342 2.34 -10.40 3.77
C PHE A 342 1.59 -11.03 4.93
N VAL A 343 2.12 -12.12 5.49
CA VAL A 343 1.52 -12.73 6.67
C VAL A 343 2.59 -13.47 7.47
N VAL A 344 2.37 -13.55 8.77
CA VAL A 344 3.17 -14.35 9.69
C VAL A 344 2.20 -15.23 10.44
N TYR A 345 2.48 -16.53 10.51
CA TYR A 345 1.72 -17.45 11.33
C TYR A 345 2.62 -18.01 12.41
N GLY A 346 2.02 -18.37 13.54
CA GLY A 346 2.74 -18.87 14.69
C GLY A 346 2.51 -17.98 15.90
N ASN A 347 3.57 -17.71 16.64
CA ASN A 347 3.46 -16.81 17.79
C ASN A 347 3.49 -15.39 17.27
N GLU A 348 2.32 -14.75 17.20
CA GLU A 348 2.20 -13.40 16.69
C GLU A 348 2.76 -12.34 17.63
N GLN A 349 3.20 -12.71 18.83
CA GLN A 349 3.75 -11.75 19.78
C GLN A 349 5.28 -11.78 19.85
N THR A 350 5.94 -12.67 19.11
CA THR A 350 7.39 -12.81 19.21
C THR A 350 8.05 -12.75 17.83
N PHE A 351 7.52 -11.93 16.92
CA PHE A 351 8.07 -11.79 15.57
C PHE A 351 8.14 -10.31 15.26
N HIS A 352 9.28 -9.70 15.55
CA HIS A 352 9.38 -8.25 15.60
C HIS A 352 9.96 -7.71 14.31
N MET A 353 9.16 -6.91 13.60
CA MET A 353 9.49 -6.47 12.25
C MET A 353 10.07 -5.07 12.24
N ASN A 354 11.07 -4.86 11.39
CA ASN A 354 11.66 -3.55 11.15
C ASN A 354 11.57 -3.33 9.65
N VAL A 355 10.55 -2.58 9.23
CA VAL A 355 10.20 -2.40 7.82
C VAL A 355 10.58 -1.00 7.40
N GLU A 356 11.32 -0.86 6.30
CA GLU A 356 11.61 0.48 5.83
C GLU A 356 11.87 0.50 4.33
N ASN A 357 11.47 1.60 3.69
CA ASN A 357 11.76 1.83 2.28
C ASN A 357 11.24 0.68 1.44
N TYR A 358 10.01 0.28 1.75
CA TYR A 358 9.31 -0.86 1.16
C TYR A 358 8.11 -0.31 0.40
N LYS A 359 7.81 -0.90 -0.75
CA LYS A 359 6.75 -0.41 -1.61
C LYS A 359 5.90 -1.55 -2.13
N GLN A 360 4.61 -1.29 -2.28
CA GLN A 360 3.67 -2.21 -2.93
C GLN A 360 2.99 -1.46 -4.06
N VAL A 361 3.07 -2.01 -5.28
CA VAL A 361 2.55 -1.38 -6.49
C VAL A 361 1.72 -2.37 -7.28
N GLY A 362 0.83 -1.85 -8.11
CA GLY A 362 0.07 -2.73 -8.99
C GLY A 362 -0.89 -3.65 -8.28
N SER A 363 -1.59 -3.15 -7.26
CA SER A 363 -2.51 -3.97 -6.46
C SER A 363 -3.93 -3.89 -7.05
N TRP A 364 -4.09 -4.50 -8.23
CA TRP A 364 -5.34 -4.36 -8.97
C TRP A 364 -6.47 -5.22 -8.43
N TYR A 365 -6.16 -6.45 -8.02
CA TYR A 365 -7.20 -7.37 -7.54
C TYR A 365 -7.68 -6.96 -6.15
N TRP A 366 -8.91 -7.35 -5.82
CA TRP A 366 -9.32 -7.38 -4.43
C TRP A 366 -8.37 -8.27 -3.64
N GLN A 367 -8.42 -8.14 -2.30
CA GLN A 367 -7.66 -8.97 -1.38
C GLN A 367 -6.16 -8.78 -1.53
N THR A 368 -5.74 -7.65 -2.08
CA THR A 368 -4.33 -7.30 -2.15
C THR A 368 -3.94 -6.45 -0.93
N ASP A 369 -4.20 -7.02 0.24
CA ASP A 369 -3.99 -6.35 1.51
C ASP A 369 -2.56 -5.84 1.62
N GLY A 370 -2.41 -4.66 2.22
CA GLY A 370 -1.12 -4.15 2.63
C GLY A 370 -0.56 -4.88 3.84
N ILE A 371 0.21 -4.22 4.63
CA ILE A 371 1.03 -4.95 5.58
C ILE A 371 0.30 -5.09 6.91
N GLU A 372 0.58 -6.21 7.59
CA GLU A 372 0.21 -6.43 8.97
C GLU A 372 1.50 -6.46 9.79
N LEU A 373 1.68 -5.48 10.65
CA LEU A 373 2.86 -5.41 11.52
C LEU A 373 2.53 -6.13 12.83
N TYR A 374 3.35 -7.12 13.18
CA TYR A 374 3.11 -7.92 14.36
C TYR A 374 3.63 -7.20 15.61
N LYS A 375 3.30 -7.74 16.78
CA LYS A 375 3.55 -7.01 18.03
C LYS A 375 5.01 -6.56 18.12
N GLY A 376 5.22 -5.31 18.48
CA GLY A 376 6.57 -4.82 18.69
C GLY A 376 7.31 -4.65 17.38
N SER A 377 6.70 -3.93 16.45
CA SER A 377 7.28 -3.70 15.13
C SER A 377 7.25 -2.22 14.81
N THR A 378 8.14 -1.82 13.89
CA THR A 378 8.19 -0.46 13.37
C THR A 378 8.23 -0.50 11.86
N MET A 379 7.60 0.49 11.24
CA MET A 379 7.67 0.68 9.80
C MET A 379 7.86 2.16 9.50
N LYS A 380 8.76 2.47 8.57
CA LYS A 380 8.95 3.85 8.16
C LYS A 380 9.27 3.94 6.68
N ASN A 381 8.82 5.03 6.07
CA ASN A 381 9.26 5.44 4.74
C ASN A 381 8.80 4.46 3.67
N THR A 382 7.49 4.35 3.45
CA THR A 382 6.93 3.32 2.60
C THR A 382 5.90 3.91 1.64
N PHE A 383 5.59 3.15 0.60
CA PHE A 383 4.52 3.47 -0.35
C PHE A 383 3.65 2.24 -0.51
N PHE A 384 2.34 2.40 -0.36
CA PHE A 384 1.40 1.30 -0.55
C PHE A 384 0.32 1.66 -1.56
N ASN A 385 0.24 0.88 -2.62
CA ASN A 385 -0.97 0.79 -3.43
C ASN A 385 -1.65 -0.50 -3.02
N ALA A 386 -2.94 -0.44 -2.68
CA ALA A 386 -3.65 -1.63 -2.22
C ALA A 386 -5.13 -1.52 -2.56
N ASN A 387 -5.75 -2.66 -2.88
CA ASN A 387 -7.19 -2.76 -3.16
C ASN A 387 -7.89 -3.59 -2.08
N ASP A 388 -7.45 -3.44 -0.85
CA ASP A 388 -8.08 -4.00 0.33
C ASP A 388 -7.51 -3.22 1.52
N ASP A 389 -7.77 -3.70 2.75
CA ASP A 389 -7.20 -3.10 3.95
C ASP A 389 -5.73 -2.78 3.71
N VAL A 390 -5.34 -1.52 3.95
CA VAL A 390 -3.98 -1.11 3.64
C VAL A 390 -3.06 -1.30 4.83
N LEU A 391 -3.41 -0.69 5.95
CA LEU A 391 -2.65 -0.81 7.20
C LEU A 391 -3.50 -1.62 8.17
N LYS A 392 -3.09 -2.86 8.41
CA LYS A 392 -3.82 -3.78 9.27
C LYS A 392 -3.23 -3.63 10.67
N MET A 393 -3.93 -2.86 11.51
CA MET A 393 -3.46 -2.47 12.83
C MET A 393 -4.07 -3.44 13.84
N TYR A 394 -3.44 -4.61 13.93
CA TYR A 394 -4.02 -5.73 14.68
C TYR A 394 -3.21 -6.09 15.91
N HIS A 395 -2.16 -5.34 16.24
CA HIS A 395 -1.22 -5.79 17.26
C HIS A 395 -0.71 -4.63 18.10
N SER A 396 -0.34 -4.95 19.34
CA SER A 396 0.18 -3.97 20.26
C SER A 396 1.60 -3.55 19.89
N ASP A 397 1.99 -2.37 20.37
CA ASP A 397 3.38 -1.91 20.31
C ASP A 397 3.86 -1.78 18.86
N VAL A 398 3.05 -1.13 18.03
CA VAL A 398 3.36 -0.95 16.62
C VAL A 398 3.50 0.53 16.36
N THR A 399 4.55 0.90 15.61
CA THR A 399 4.82 2.28 15.28
C THR A 399 5.05 2.40 13.78
N ILE A 400 4.32 3.32 13.13
CA ILE A 400 4.43 3.57 11.69
C ILE A 400 4.67 5.06 11.47
N ASP A 401 5.60 5.40 10.58
CA ASP A 401 5.81 6.78 10.18
C ASP A 401 6.03 6.89 8.69
N ASN A 402 5.51 7.95 8.09
CA ASN A 402 5.85 8.36 6.72
C ASN A 402 5.40 7.34 5.68
N THR A 403 4.09 7.16 5.58
CA THR A 403 3.47 6.22 4.64
C THR A 403 2.72 7.01 3.59
N VAL A 404 3.05 6.80 2.32
CA VAL A 404 2.32 7.35 1.19
C VAL A 404 1.44 6.24 0.64
N ILE A 405 0.15 6.53 0.45
CA ILE A 405 -0.82 5.50 0.09
C ILE A 405 -1.62 5.92 -1.14
N TRP A 406 -1.67 5.03 -2.14
CA TRP A 406 -2.56 5.15 -3.30
C TRP A 406 -3.61 4.08 -3.10
N LYS A 407 -4.77 4.47 -2.59
CA LYS A 407 -5.82 3.52 -2.29
C LYS A 407 -6.64 3.27 -3.56
N ASN A 408 -7.05 2.01 -3.78
CA ASN A 408 -7.95 1.72 -4.90
C ASN A 408 -9.40 1.76 -4.41
N GLU A 409 -10.19 0.72 -4.67
CA GLU A 409 -11.64 0.81 -4.47
C GLU A 409 -12.13 0.18 -3.17
N ASN A 410 -11.55 -0.94 -2.79
CA ASN A 410 -12.17 -1.86 -1.86
C ASN A 410 -11.48 -1.82 -0.51
N GLY A 411 -12.28 -1.85 0.56
CA GLY A 411 -11.75 -1.79 1.91
C GLY A 411 -11.40 -0.38 2.34
N PRO A 412 -11.11 -0.20 3.61
CA PRO A 412 -10.70 1.11 4.14
C PRO A 412 -9.20 1.31 3.92
N VAL A 413 -8.70 2.43 4.42
CA VAL A 413 -7.25 2.61 4.49
C VAL A 413 -6.67 1.91 5.73
N ILE A 414 -7.10 2.32 6.91
CA ILE A 414 -6.65 1.75 8.20
C ILE A 414 -7.75 0.84 8.74
N GLN A 415 -7.37 -0.37 9.18
CA GLN A 415 -8.31 -1.37 9.68
C GLN A 415 -7.84 -1.91 11.02
N TRP A 416 -8.75 -1.97 12.00
CA TRP A 416 -8.47 -2.72 13.24
C TRP A 416 -9.63 -3.63 13.64
N GLY A 417 -10.66 -3.77 12.81
CA GLY A 417 -11.80 -4.62 13.12
C GLY A 417 -11.68 -6.04 12.59
N TRP A 418 -12.82 -6.57 12.11
CA TRP A 418 -13.02 -7.93 11.59
C TRP A 418 -13.18 -8.98 12.67
N THR A 419 -12.49 -8.85 13.80
CA THR A 419 -12.64 -9.74 14.95
C THR A 419 -12.43 -8.91 16.20
N PRO A 420 -12.90 -9.38 17.36
CA PRO A 420 -12.43 -8.77 18.61
C PRO A 420 -10.93 -8.93 18.73
N ARG A 421 -10.27 -7.91 19.30
CA ARG A 421 -8.82 -7.90 19.41
C ARG A 421 -8.41 -7.29 20.75
N ASN A 422 -7.20 -7.66 21.19
CA ASN A 422 -6.53 -7.04 22.33
C ASN A 422 -5.33 -6.26 21.78
N ILE A 423 -5.42 -4.93 21.82
CA ILE A 423 -4.41 -4.05 21.25
C ILE A 423 -4.15 -2.92 22.21
N ASP A 424 -2.87 -2.58 22.38
CA ASP A 424 -2.45 -1.45 23.21
C ASP A 424 -1.21 -0.83 22.57
N ASN A 425 -1.17 0.51 22.57
CA ASN A 425 0.05 1.27 22.25
C ASN A 425 0.41 1.22 20.78
N VAL A 426 -0.39 1.88 19.96
CA VAL A 426 -0.18 1.95 18.51
C VAL A 426 -0.03 3.42 18.14
N ASN A 427 0.98 3.73 17.31
CA ASN A 427 1.26 5.10 16.91
C ASN A 427 1.53 5.13 15.42
N VAL A 428 0.70 5.86 14.68
CA VAL A 428 0.83 5.96 13.22
C VAL A 428 0.89 7.44 12.86
N THR A 429 2.01 7.90 12.32
CA THR A 429 2.22 9.31 12.05
C THR A 429 2.55 9.55 10.59
N ASN A 430 2.08 10.70 10.08
CA ASN A 430 2.50 11.22 8.77
C ASN A 430 2.12 10.28 7.63
N THR A 431 0.82 10.04 7.52
CA THR A 431 0.22 9.25 6.45
C THR A 431 -0.36 10.21 5.44
N THR A 432 -0.06 9.99 4.15
CA THR A 432 -0.70 10.76 3.08
C THR A 432 -1.37 9.79 2.14
N VAL A 433 -2.70 9.88 2.06
CA VAL A 433 -3.49 9.11 1.12
C VAL A 433 -3.63 9.99 -0.11
N ILE A 434 -2.76 9.79 -1.10
CA ILE A 434 -2.67 10.72 -2.22
C ILE A 434 -3.83 10.55 -3.18
N HIS A 435 -4.39 9.34 -3.26
CA HIS A 435 -5.55 9.06 -4.09
C HIS A 435 -6.34 7.94 -3.43
N ASN A 436 -7.62 7.87 -3.80
CA ASN A 436 -8.46 6.76 -3.38
C ASN A 436 -9.65 6.69 -4.32
N ARG A 437 -10.20 5.49 -4.48
CA ARG A 437 -11.39 5.29 -5.30
C ARG A 437 -12.49 4.63 -4.48
N MET A 438 -12.58 4.98 -3.20
CA MET A 438 -13.62 4.41 -2.34
C MET A 438 -14.96 5.03 -2.71
N TYR A 439 -15.90 4.20 -3.18
CA TYR A 439 -16.99 4.72 -4.00
C TYR A 439 -18.40 4.28 -3.60
N TRP A 440 -18.55 3.43 -2.59
CA TRP A 440 -19.81 2.69 -2.42
C TRP A 440 -21.01 3.61 -2.22
N LYS A 441 -22.08 3.32 -2.96
CA LYS A 441 -23.35 4.01 -2.76
C LYS A 441 -24.01 3.57 -1.46
N ASP A 442 -23.96 2.28 -1.16
CA ASP A 442 -24.52 1.81 0.10
C ASP A 442 -23.51 2.02 1.22
N VAL A 443 -23.99 1.94 2.46
CA VAL A 443 -23.15 2.19 3.64
C VAL A 443 -22.50 0.85 4.01
N LYS A 444 -21.29 0.62 3.51
CA LYS A 444 -20.56 -0.61 3.77
C LYS A 444 -19.85 -0.56 5.13
N TYR A 445 -19.64 -1.73 5.71
CA TYR A 445 -19.00 -1.80 7.03
C TYR A 445 -17.50 -1.66 6.97
N ASN A 446 -16.87 -1.92 5.83
CA ASN A 446 -15.41 -1.98 5.70
C ASN A 446 -14.95 -0.95 4.68
N THR A 447 -15.03 0.33 5.04
CA THR A 447 -14.59 1.40 4.15
C THR A 447 -14.22 2.60 5.03
N CYS A 448 -13.96 3.73 4.38
CA CYS A 448 -13.52 5.00 4.98
C CYS A 448 -12.02 5.03 5.23
N ILE A 449 -11.52 6.18 5.63
CA ILE A 449 -10.09 6.31 5.94
C ILE A 449 -9.71 5.43 7.12
N LEU A 450 -10.50 5.48 8.20
CA LEU A 450 -10.27 4.66 9.40
C LEU A 450 -11.47 3.76 9.65
N ASN A 451 -11.20 2.52 10.08
CA ASN A 451 -12.27 1.53 10.12
C ASN A 451 -11.99 0.45 11.14
N SER A 452 -13.03 0.09 11.90
CA SER A 452 -13.15 -1.21 12.55
C SER A 452 -14.34 -1.89 11.88
N SER A 453 -14.06 -2.76 10.92
CA SER A 453 -15.13 -3.47 10.24
C SER A 453 -15.85 -4.40 11.21
N SER A 454 -17.10 -4.69 10.89
CA SER A 454 -17.86 -5.74 11.59
C SER A 454 -17.21 -7.10 11.32
N HIS A 455 -17.76 -8.15 11.94
CA HIS A 455 -17.09 -9.44 11.98
C HIS A 455 -17.09 -10.14 10.63
N TRP A 456 -15.93 -10.68 10.26
CA TRP A 456 -15.80 -11.38 8.98
C TRP A 456 -16.74 -12.57 8.86
N GLU A 457 -17.09 -13.20 9.99
CA GLU A 457 -17.96 -14.37 9.93
C GLU A 457 -19.39 -13.98 9.53
N ASP A 458 -19.80 -12.76 9.84
CA ASP A 458 -21.15 -12.29 9.51
C ASP A 458 -21.13 -10.78 9.69
N MET A 459 -20.89 -10.06 8.59
CA MET A 459 -20.74 -8.62 8.68
C MET A 459 -22.03 -7.92 9.08
N GLY A 460 -23.18 -8.57 8.92
CA GLY A 460 -24.45 -7.97 9.29
C GLY A 460 -24.89 -8.24 10.71
N SER A 461 -24.18 -9.08 11.43
CA SER A 461 -24.56 -9.39 12.81
C SER A 461 -24.05 -8.31 13.74
N THR A 462 -24.82 -8.04 14.80
CA THR A 462 -24.38 -7.14 15.85
C THR A 462 -24.01 -7.87 17.14
N THR A 463 -23.95 -9.21 17.10
CA THR A 463 -23.73 -10.04 18.28
C THR A 463 -22.38 -10.76 18.23
N LYS A 464 -21.42 -10.24 17.47
CA LYS A 464 -20.13 -10.89 17.27
C LYS A 464 -19.01 -10.23 18.06
N ALA A 465 -19.33 -9.33 18.98
CA ALA A 465 -18.32 -8.63 19.78
C ALA A 465 -17.95 -9.46 21.01
N ASP A 466 -16.86 -9.04 21.66
CA ASP A 466 -16.39 -9.67 22.91
C ASP A 466 -16.03 -8.57 23.90
N PRO A 467 -16.88 -8.32 24.89
CA PRO A 467 -16.57 -7.29 25.90
C PRO A 467 -15.35 -7.61 26.75
N ASN A 468 -14.83 -8.83 26.68
CA ASN A 468 -13.64 -9.20 27.43
C ASN A 468 -12.36 -8.97 26.64
N THR A 469 -12.42 -8.24 25.54
CA THR A 469 -11.25 -7.81 24.80
C THR A 469 -11.24 -6.28 24.75
N THR A 470 -10.05 -5.71 24.57
CA THR A 470 -9.89 -4.25 24.60
C THR A 470 -8.92 -3.80 23.53
N VAL A 471 -9.36 -2.82 22.73
CA VAL A 471 -8.51 -2.08 21.80
C VAL A 471 -8.32 -0.69 22.40
N LYS A 472 -7.07 -0.32 22.72
CA LYS A 472 -6.87 0.94 23.42
C LYS A 472 -5.56 1.61 23.05
N ASN A 473 -5.51 2.92 23.28
CA ASN A 473 -4.27 3.69 23.20
C ASN A 473 -3.67 3.61 21.79
N MET A 474 -4.48 3.98 20.81
CA MET A 474 -4.05 4.05 19.42
C MET A 474 -4.12 5.51 18.99
N ARG A 475 -3.01 6.03 18.50
CA ARG A 475 -2.91 7.42 18.09
C ARG A 475 -2.52 7.50 16.62
N PHE A 476 -3.31 8.24 15.86
CA PHE A 476 -3.07 8.47 14.44
C PHE A 476 -2.91 9.98 14.27
N GLU A 477 -1.70 10.44 13.95
CA GLU A 477 -1.43 11.87 13.86
C GLU A 477 -0.93 12.22 12.48
N ASN A 478 -1.64 13.14 11.81
CA ASN A 478 -1.39 13.60 10.45
C ASN A 478 -1.80 12.54 9.46
N ILE A 479 -3.04 12.61 9.00
CA ILE A 479 -3.54 11.78 7.91
C ILE A 479 -4.07 12.75 6.87
N THR A 480 -3.28 12.97 5.82
CA THR A 480 -3.63 13.91 4.77
C THR A 480 -4.27 13.16 3.63
N VAL A 481 -5.52 13.50 3.32
CA VAL A 481 -6.28 12.83 2.26
C VAL A 481 -6.50 13.84 1.14
N GLU A 482 -5.89 13.57 0.00
CA GLU A 482 -5.89 14.53 -1.10
C GLU A 482 -7.00 14.22 -2.09
N GLY A 483 -7.60 15.28 -2.66
CA GLY A 483 -8.77 15.07 -3.50
C GLY A 483 -9.99 14.62 -2.71
N MET A 484 -10.93 14.01 -3.42
CA MET A 484 -12.20 13.60 -2.84
C MET A 484 -12.11 12.20 -2.22
N THR A 485 -12.84 11.99 -1.13
CA THR A 485 -13.00 10.65 -0.57
C THR A 485 -14.44 10.46 -0.14
N ASN A 486 -14.74 9.26 0.37
CA ASN A 486 -16.12 8.91 0.69
C ASN A 486 -16.50 9.13 2.15
N CYS A 487 -15.64 8.77 3.11
CA CYS A 487 -16.04 8.90 4.51
C CYS A 487 -14.79 8.87 5.39
N ALA A 488 -14.91 9.46 6.58
CA ALA A 488 -13.76 9.58 7.48
C ALA A 488 -13.52 8.33 8.31
N ILE A 489 -14.53 7.87 9.06
CA ILE A 489 -14.30 6.83 10.06
C ILE A 489 -15.58 6.04 10.32
N ARG A 490 -15.46 4.71 10.31
CA ARG A 490 -16.56 3.84 10.73
C ARG A 490 -16.02 2.82 11.71
N VAL A 491 -16.47 2.90 12.95
CA VAL A 491 -16.04 1.97 14.00
C VAL A 491 -17.24 1.14 14.40
N TYR A 492 -17.25 -0.13 13.99
CA TYR A 492 -18.18 -1.12 14.53
C TYR A 492 -17.38 -1.87 15.59
N ALA A 493 -17.56 -1.46 16.86
CA ALA A 493 -16.68 -1.90 17.92
C ALA A 493 -16.97 -3.35 18.29
N LEU A 494 -15.98 -4.21 18.08
CA LEU A 494 -16.07 -5.61 18.46
C LEU A 494 -15.38 -5.90 19.77
N SER A 495 -14.79 -4.87 20.39
CA SER A 495 -14.08 -4.95 21.65
C SER A 495 -14.34 -3.67 22.40
N ASP A 496 -14.15 -3.69 23.72
CA ASP A 496 -14.04 -2.44 24.45
C ASP A 496 -13.00 -1.56 23.77
N THR A 497 -13.30 -0.28 23.63
CA THR A 497 -12.49 0.62 22.81
C THR A 497 -12.22 1.89 23.61
N GLU A 498 -10.93 2.19 23.83
CA GLU A 498 -10.55 3.28 24.72
C GLU A 498 -9.39 4.09 24.17
N ASN A 499 -9.47 5.40 24.36
CA ASN A 499 -8.37 6.33 24.07
C ASN A 499 -7.81 6.14 22.66
N ILE A 500 -8.68 6.35 21.68
CA ILE A 500 -8.30 6.38 20.28
C ILE A 500 -8.23 7.84 19.88
N HIS A 501 -7.09 8.25 19.31
CA HIS A 501 -6.87 9.65 19.00
C HIS A 501 -6.57 9.77 17.50
N VAL A 502 -7.32 10.63 16.82
CA VAL A 502 -7.09 10.94 15.41
C VAL A 502 -6.84 12.45 15.34
N LYS A 503 -5.60 12.84 15.08
CA LYS A 503 -5.19 14.23 15.06
C LYS A 503 -4.80 14.62 13.64
N ASN A 504 -5.36 15.74 13.17
CA ASN A 504 -5.06 16.26 11.83
C ASN A 504 -5.38 15.24 10.72
N LEU A 505 -6.54 14.60 10.84
CA LEU A 505 -7.16 13.98 9.67
C LEU A 505 -7.69 15.13 8.83
N ASN A 506 -7.01 15.45 7.73
CA ASN A 506 -7.37 16.58 6.88
C ASN A 506 -7.76 16.04 5.51
N ILE A 507 -9.02 16.22 5.16
CA ILE A 507 -9.60 15.71 3.93
C ILE A 507 -9.86 16.89 2.99
N ASP A 508 -9.42 16.79 1.74
CA ASP A 508 -9.62 17.91 0.82
C ASP A 508 -11.10 18.14 0.55
N ALA A 509 -11.85 17.07 0.27
CA ALA A 509 -13.24 17.23 -0.17
C ALA A 509 -13.95 15.89 -0.04
N TRP A 510 -15.27 15.96 0.09
CA TRP A 510 -16.08 14.77 -0.10
C TRP A 510 -16.36 14.57 -1.59
N ASN A 511 -16.67 13.33 -1.94
CA ASN A 511 -17.01 13.01 -3.33
C ASN A 511 -18.47 13.35 -3.63
N GLY A 512 -18.94 12.95 -4.81
CA GLY A 512 -20.28 13.29 -5.27
C GLY A 512 -21.41 12.40 -4.81
N LEU A 513 -21.17 11.45 -3.91
CA LEU A 513 -22.23 10.60 -3.41
C LEU A 513 -23.19 11.41 -2.54
N ASP A 514 -24.35 10.81 -2.25
CA ASP A 514 -25.26 11.43 -1.28
C ASP A 514 -24.56 11.50 0.07
N TRP A 515 -24.91 12.52 0.87
CA TRP A 515 -24.27 12.65 2.17
C TRP A 515 -24.54 11.44 3.07
N THR A 516 -25.67 10.76 2.88
CA THR A 516 -25.94 9.55 3.65
C THR A 516 -24.90 8.45 3.40
N SER A 517 -24.31 8.42 2.19
CA SER A 517 -23.29 7.43 1.88
C SER A 517 -21.93 7.82 2.44
N GLN A 518 -21.80 9.04 2.95
CA GLN A 518 -20.54 9.58 3.42
C GLN A 518 -20.47 9.59 4.94
N VAL A 519 -21.41 8.93 5.62
CA VAL A 519 -21.54 9.05 7.06
C VAL A 519 -20.37 8.37 7.76
N SER A 520 -19.96 8.93 8.88
CA SER A 520 -19.06 8.28 9.82
C SER A 520 -19.86 7.66 10.95
N HIS A 521 -19.44 6.48 11.42
CA HIS A 521 -20.19 5.68 12.39
C HIS A 521 -19.34 5.35 13.61
N LEU A 522 -20.02 5.19 14.74
CA LEU A 522 -19.40 4.71 15.98
C LEU A 522 -20.49 3.94 16.72
N LYS A 523 -20.36 2.61 16.77
CA LYS A 523 -21.42 1.74 17.27
C LYS A 523 -20.80 0.68 18.17
N ARG A 524 -21.53 0.33 19.23
CA ARG A 524 -21.11 -0.69 20.19
C ARG A 524 -21.88 -1.98 19.91
N TYR A 525 -21.15 -3.03 19.52
CA TYR A 525 -21.77 -4.32 19.30
C TYR A 525 -21.80 -5.11 20.61
N THR A 526 -22.49 -6.25 20.60
CA THR A 526 -22.65 -7.09 21.78
C THR A 526 -22.08 -8.48 21.52
N ASN A 527 -21.99 -9.27 22.60
CA ASN A 527 -21.76 -10.70 22.46
C ASN A 527 -23.11 -11.39 22.25
N PRO A 528 -23.14 -12.69 21.98
CA PRO A 528 -24.45 -13.36 21.80
C PRO A 528 -25.37 -13.24 22.99
N ALA A 529 -24.83 -13.13 24.20
CA ALA A 529 -25.66 -12.95 25.38
C ALA A 529 -26.28 -11.56 25.46
N GLY A 530 -25.79 -10.60 24.67
CA GLY A 530 -26.35 -9.26 24.65
C GLY A 530 -25.57 -8.23 25.42
N GLU A 531 -24.41 -8.59 25.98
CA GLU A 531 -23.61 -7.62 26.71
C GLU A 531 -22.85 -6.75 25.72
N LYS A 532 -23.00 -5.44 25.84
CA LYS A 532 -22.39 -4.50 24.91
C LYS A 532 -20.95 -4.23 25.30
N VAL A 533 -20.08 -4.11 24.30
CA VAL A 533 -18.78 -3.52 24.56
C VAL A 533 -18.96 -2.06 24.96
N THR A 534 -17.94 -1.51 25.61
CA THR A 534 -17.95 -0.13 26.05
C THR A 534 -16.95 0.69 25.24
N ILE A 535 -17.31 1.94 24.98
CA ILE A 535 -16.36 2.93 24.48
C ILE A 535 -16.06 3.88 25.62
N GLY A 536 -14.77 4.13 25.84
CA GLY A 536 -14.37 4.95 26.97
C GLY A 536 -15.02 6.32 26.94
N ASN A 537 -15.08 6.93 28.13
CA ASN A 537 -15.61 8.28 28.25
C ASN A 537 -14.60 9.28 27.71
N GLU A 538 -15.03 10.11 26.77
CA GLU A 538 -14.20 11.20 26.25
C GLU A 538 -14.50 12.53 26.91
N ILE A 539 -15.76 12.82 27.20
CA ILE A 539 -16.17 14.05 27.87
C ILE A 539 -16.48 13.70 29.33
N PRO A 540 -15.61 14.02 30.29
CA PRO A 540 -14.37 14.78 30.14
C PRO A 540 -13.07 13.95 30.21
N ASP A 541 -13.15 12.63 30.26
CA ASP A 541 -11.99 11.82 30.65
C ASP A 541 -10.93 11.68 29.55
N GLY A 542 -11.26 11.97 28.30
CA GLY A 542 -10.29 11.79 27.23
C GLY A 542 -10.00 10.36 26.89
N ASN A 543 -10.87 9.43 27.27
CA ASN A 543 -10.67 8.00 27.08
C ASN A 543 -11.56 7.40 26.01
N GLY A 544 -12.17 8.23 25.16
CA GLY A 544 -12.98 7.72 24.08
C GLY A 544 -12.32 7.92 22.74
N LEU A 545 -13.09 8.37 21.75
CA LEU A 545 -12.57 8.69 20.43
C LEU A 545 -12.38 10.20 20.31
N ALA A 546 -11.14 10.63 20.12
CA ALA A 546 -10.79 12.05 19.99
C ALA A 546 -10.52 12.36 18.52
N LEU A 547 -11.29 13.31 17.97
CA LEU A 547 -11.03 13.86 16.63
C LEU A 547 -10.53 15.29 16.82
N GLU A 548 -9.22 15.46 16.81
CA GLU A 548 -8.59 16.76 17.03
C GLU A 548 -8.13 17.30 15.68
N ASN A 549 -8.63 18.48 15.30
CA ASN A 549 -8.29 19.09 14.01
C ASN A 549 -8.63 18.16 12.85
N TYR A 550 -9.77 17.48 12.96
CA TYR A 550 -10.40 16.84 11.81
C TYR A 550 -10.95 17.94 10.93
N SER A 551 -10.54 17.97 9.66
CA SER A 551 -10.94 19.06 8.79
C SER A 551 -11.35 18.54 7.42
N VAL A 552 -12.28 19.25 6.79
CA VAL A 552 -12.72 19.01 5.43
C VAL A 552 -12.65 20.33 4.68
N GLY A 553 -11.96 20.34 3.56
CA GLY A 553 -11.82 21.58 2.80
C GLY A 553 -11.17 22.70 3.57
N GLY A 554 -10.34 22.37 4.57
CA GLY A 554 -9.68 23.36 5.38
C GLY A 554 -10.45 23.80 6.61
N GLU A 555 -11.70 23.41 6.76
CA GLU A 555 -12.53 23.83 7.88
C GLU A 555 -12.51 22.76 8.96
N VAL A 556 -12.14 23.13 10.17
CA VAL A 556 -12.06 22.16 11.27
C VAL A 556 -13.45 21.84 11.78
N ILE A 557 -13.73 20.55 11.94
CA ILE A 557 -15.01 20.06 12.45
C ILE A 557 -15.01 20.15 13.97
N GLU A 558 -16.03 20.79 14.53
CA GLU A 558 -16.08 20.98 15.98
C GLU A 558 -17.47 20.67 16.51
N LYS A 559 -17.52 19.90 17.61
CA LYS A 559 -18.79 19.61 18.28
C LYS A 559 -19.52 20.90 18.65
N THR A 560 -18.79 21.98 18.90
CA THR A 560 -19.38 23.26 19.31
C THR A 560 -19.56 24.24 18.16
N ALA A 561 -19.26 23.84 16.92
CA ALA A 561 -19.31 24.75 15.78
C ALA A 561 -20.47 24.47 14.83
N ASP A 562 -21.37 23.54 15.17
CA ASP A 562 -22.55 23.28 14.34
C ASP A 562 -22.20 22.89 12.90
N ASN A 563 -21.06 22.19 12.72
CA ASN A 563 -20.64 21.73 11.40
C ASN A 563 -20.25 20.26 11.40
N TRP A 564 -20.74 19.48 12.38
CA TRP A 564 -20.23 18.14 12.62
C TRP A 564 -21.18 17.01 12.21
N ALA A 565 -22.48 17.25 12.15
CA ALA A 565 -23.44 16.16 12.12
C ALA A 565 -23.53 15.52 10.73
N ASP A 566 -24.37 14.48 10.62
CA ASP A 566 -24.34 13.63 9.42
C ASP A 566 -24.68 14.40 8.16
N HIS A 567 -25.58 15.39 8.25
CA HIS A 567 -25.98 16.22 7.12
C HIS A 567 -25.17 17.51 7.03
N GLN A 568 -24.15 17.66 7.88
CA GLN A 568 -23.26 18.81 7.90
C GLN A 568 -21.89 18.40 7.38
N LEU A 569 -20.98 19.37 7.36
CA LEU A 569 -19.67 19.15 6.73
C LEU A 569 -18.94 17.95 7.31
N GLY A 570 -19.02 17.73 8.63
CA GLY A 570 -18.25 16.64 9.23
C GLY A 570 -18.80 15.26 8.96
N ARG A 571 -20.08 15.14 8.61
CA ARG A 571 -20.69 13.88 8.25
C ARG A 571 -20.68 12.87 9.41
N ILE A 572 -20.63 13.34 10.65
CA ILE A 572 -20.52 12.44 11.80
C ILE A 572 -21.90 11.96 12.20
N GLY A 573 -22.14 10.66 12.02
CA GLY A 573 -23.39 10.01 12.38
C GLY A 573 -23.22 8.97 13.47
N PHE A 574 -22.38 9.31 14.45
CA PHE A 574 -22.14 8.42 15.58
C PHE A 574 -23.44 8.22 16.37
N ASP A 575 -23.58 7.04 16.98
CA ASP A 575 -24.80 6.75 17.72
C ASP A 575 -24.97 7.74 18.87
N GLY A 576 -26.22 8.18 19.07
CA GLY A 576 -26.49 9.14 20.13
C GLY A 576 -26.09 8.66 21.51
N GLU A 577 -26.21 7.35 21.75
CA GLU A 577 -25.82 6.80 23.06
C GLU A 577 -24.34 6.96 23.33
N ASN A 578 -23.54 7.24 22.31
CA ASN A 578 -22.10 7.39 22.46
C ASN A 578 -21.65 8.84 22.50
N TRP A 579 -22.58 9.77 22.66
CA TRP A 579 -22.27 11.20 22.66
C TRP A 579 -21.08 11.53 23.57
N ASN A 580 -21.06 10.98 24.78
CA ASN A 580 -19.99 11.35 25.70
C ASN A 580 -18.71 10.53 25.48
N SER A 581 -18.70 9.65 24.50
CA SER A 581 -17.53 8.84 24.17
C SER A 581 -16.73 9.39 23.00
N TRP A 582 -17.06 10.59 22.51
CA TRP A 582 -16.26 11.18 21.44
C TRP A 582 -16.22 12.68 21.58
N ASN A 583 -15.26 13.29 20.90
CA ASN A 583 -15.17 14.74 20.81
C ASN A 583 -14.54 15.09 19.48
N ALA A 584 -14.89 16.27 18.96
CA ALA A 584 -14.24 16.86 17.80
C ALA A 584 -13.95 18.31 18.16
N TRP A 585 -12.69 18.71 18.13
CA TRP A 585 -12.36 20.05 18.56
C TRP A 585 -11.12 20.56 17.83
N ARG A 586 -10.96 21.87 17.83
CA ARG A 586 -9.83 22.56 17.22
C ARG A 586 -8.83 22.90 18.31
N THR A 587 -7.56 22.55 18.10
CA THR A 587 -6.54 22.93 19.07
C THR A 587 -6.33 24.43 19.04
#